data_1R3V
#
_entry.id   1R3V
#
_cell.length_a   103.111
_cell.length_b   103.111
_cell.length_c   73.313
_cell.angle_alpha   90.00
_cell.angle_beta   90.00
_cell.angle_gamma   120.00
#
_symmetry.space_group_name_H-M   'P 31 2 1'
#
loop_
_entity.id
_entity.type
_entity.pdbx_description
1 polymer 'Uroporphyrinogen Decarboxylase'
2 non-polymer 'COPROPORPHYRINOGEN I'
3 non-polymer BETA-MERCAPTOETHANOL
4 water water
#
_entity_poly.entity_id   1
_entity_poly.type   'polypeptide(L)'
_entity_poly.pdbx_seq_one_letter_code
;MEANGLGPQGFPELKNDTFLRAAWGEETDYTPVWCMRQAGRYLPEFRETRAAQDFFSTCRSPEACCELTLQPLRRFPLDA
AIIFSEILVVPQALGMEVTMVPGKGPSFPEPLREEQDLERLRDPEVVASELGYVFQAITLTRQRLAGRVPLIGFAGAPWT
LMTYMVEGGGSSTMAQAKRWLYQRPQASHQLLRILTDALVPYLVGQVVAGAQALQLFESHAGHLGPQLFNKFALPYIRDV
AKQVKARLREAGLAPVPMIIFAKDGHFALEELAQAGYEVVGLDWTVAPKKARECVGKTVTLQGNLDPCALYASEEEIGQL
VKQMLDDFGPHRYIANLGHGLYPDMDPEHVGAFVDAVHKHSRLLRQN
;
_entity_poly.pdbx_strand_id   A
#
loop_
_chem_comp.id
_chem_comp.type
_chem_comp.name
_chem_comp.formula
1CP non-polymer 'COPROPORPHYRINOGEN I' 'C36 H44 N4 O8'
BME non-polymer BETA-MERCAPTOETHANOL 'C2 H6 O S'
#
# COMPACT_ATOMS: atom_id res chain seq x y z
N GLY A 10 -6.84 -16.19 -18.72
CA GLY A 10 -7.80 -15.08 -19.04
C GLY A 10 -7.10 -13.76 -19.36
N PHE A 11 -5.82 -13.63 -19.00
CA PHE A 11 -5.04 -12.38 -19.20
C PHE A 11 -3.79 -12.58 -20.01
N PRO A 12 -3.27 -11.52 -20.61
CA PRO A 12 -1.98 -11.62 -21.28
C PRO A 12 -0.87 -12.12 -20.34
N GLU A 13 0.04 -12.85 -20.94
CA GLU A 13 1.21 -13.32 -20.26
C GLU A 13 2.08 -12.13 -19.87
N LEU A 14 2.62 -12.20 -18.67
CA LEU A 14 3.49 -11.17 -18.15
C LEU A 14 4.83 -11.17 -18.88
N LYS A 15 5.22 -10.01 -19.38
CA LYS A 15 6.49 -9.83 -20.06
C LYS A 15 7.65 -9.51 -19.13
N ASN A 16 7.48 -8.54 -18.24
CA ASN A 16 8.55 -8.14 -17.31
C ASN A 16 8.05 -8.57 -15.94
N ASP A 17 8.64 -9.63 -15.36
CA ASP A 17 8.19 -10.12 -14.05
C ASP A 17 9.22 -9.83 -12.96
N THR A 18 10.19 -8.97 -13.25
CA THR A 18 11.28 -8.71 -12.30
C THR A 18 10.79 -8.42 -10.89
N PHE A 19 9.76 -7.56 -10.81
CA PHE A 19 9.17 -7.17 -9.55
C PHE A 19 8.72 -8.38 -8.75
N LEU A 20 8.04 -9.31 -9.43
CA LEU A 20 7.53 -10.52 -8.73
C LEU A 20 8.68 -11.41 -8.32
N ARG A 21 9.66 -11.59 -9.20
CA ARG A 21 10.82 -12.40 -8.86
C ARG A 21 11.51 -11.85 -7.62
N ALA A 22 11.75 -10.54 -7.59
CA ALA A 22 12.39 -9.95 -6.42
C ALA A 22 11.54 -10.09 -5.16
N ALA A 23 10.21 -9.92 -5.28
CA ALA A 23 9.31 -10.04 -4.14
C ALA A 23 9.42 -11.41 -3.50
N TRP A 24 9.57 -12.43 -4.34
CA TRP A 24 9.71 -13.79 -3.81
C TRP A 24 11.13 -14.05 -3.32
N GLY A 25 12.06 -13.11 -3.50
CA GLY A 25 13.41 -13.27 -3.04
C GLY A 25 14.37 -13.96 -4.02
N GLU A 26 14.01 -14.07 -5.29
CA GLU A 26 14.91 -14.59 -6.29
C GLU A 26 15.87 -13.55 -6.80
N GLU A 27 17.00 -14.01 -7.31
CA GLU A 27 17.94 -13.12 -7.96
C GLU A 27 17.41 -12.54 -9.25
N THR A 28 17.71 -11.28 -9.55
CA THR A 28 17.37 -10.67 -10.84
C THR A 28 18.56 -9.92 -11.43
N ASP A 29 18.44 -9.56 -12.70
CA ASP A 29 19.50 -8.89 -13.45
C ASP A 29 19.64 -7.43 -13.05
N TYR A 30 18.61 -6.89 -12.42
CA TYR A 30 18.61 -5.53 -11.97
C TYR A 30 17.56 -5.41 -10.86
N THR A 31 17.61 -4.30 -10.16
CA THR A 31 16.67 -4.01 -9.07
C THR A 31 15.41 -3.38 -9.64
N PRO A 32 14.24 -3.98 -9.44
CA PRO A 32 12.98 -3.40 -9.92
C PRO A 32 12.58 -2.23 -9.07
N VAL A 33 11.86 -1.28 -9.65
CA VAL A 33 11.50 -0.07 -8.93
C VAL A 33 10.09 0.32 -9.25
N TRP A 34 9.40 0.79 -8.23
CA TRP A 34 8.20 1.53 -8.43
C TRP A 34 8.10 2.66 -7.36
N CYS A 35 7.13 3.54 -7.51
CA CYS A 35 6.93 4.66 -6.57
C CYS A 35 5.52 4.74 -6.07
N MET A 36 5.37 4.78 -4.75
CA MET A 36 4.07 5.10 -4.13
C MET A 36 3.64 6.44 -4.62
N ARG A 37 2.37 6.54 -4.99
CA ARG A 37 1.76 7.68 -5.70
C ARG A 37 2.31 7.98 -7.07
N GLN A 38 2.86 6.97 -7.75
CA GLN A 38 3.33 7.20 -9.10
C GLN A 38 2.26 7.74 -10.01
N ALA A 39 1.00 7.34 -9.79
CA ALA A 39 -0.15 8.04 -10.36
C ALA A 39 -0.55 9.05 -9.31
N GLY A 40 -0.25 10.31 -9.56
CA GLY A 40 -0.55 11.32 -8.57
C GLY A 40 -0.48 12.74 -9.09
N ARG A 41 -0.68 13.68 -8.17
CA ARG A 41 -0.89 15.10 -8.50
C ARG A 41 0.34 15.79 -9.05
N TYR A 42 1.52 15.21 -8.87
CA TYR A 42 2.71 15.77 -9.46
C TYR A 42 2.65 15.68 -11.03
N LEU A 43 1.81 14.80 -11.58
CA LEU A 43 1.70 14.65 -13.02
C LEU A 43 0.63 15.58 -13.53
N PRO A 44 0.92 16.45 -14.49
CA PRO A 44 -0.13 17.30 -15.05
C PRO A 44 -1.28 16.53 -15.65
N GLU A 45 -0.97 15.41 -16.32
CA GLU A 45 -1.99 14.57 -16.92
C GLU A 45 -2.92 13.91 -15.91
N PHE A 46 -2.41 13.61 -14.71
CA PHE A 46 -3.25 13.15 -13.58
C PHE A 46 -4.28 14.22 -13.23
N ARG A 47 -3.81 15.44 -13.11
CA ARG A 47 -4.70 16.51 -12.70
C ARG A 47 -5.78 16.76 -13.75
N GLU A 48 -5.41 16.72 -15.02
CA GLU A 48 -6.36 16.86 -16.13
C GLU A 48 -7.43 15.77 -16.14
N THR A 49 -7.03 14.50 -16.01
CA THR A 49 -8.01 13.43 -15.95
C THR A 49 -8.91 13.56 -14.72
N ARG A 50 -8.32 13.93 -13.59
CA ARG A 50 -9.07 14.09 -12.34
C ARG A 50 -9.99 15.32 -12.32
N ALA A 51 -9.73 16.34 -13.12
CA ALA A 51 -10.59 17.54 -13.11
C ALA A 51 -12.01 17.22 -13.60
N ALA A 52 -12.16 16.11 -14.35
CA ALA A 52 -13.47 15.68 -14.92
C ALA A 52 -14.56 15.26 -13.91
N GLN A 53 -14.16 14.50 -12.88
CA GLN A 53 -15.10 13.97 -11.89
C GLN A 53 -14.72 14.37 -10.47
N ASP A 54 -15.63 14.19 -9.51
CA ASP A 54 -15.22 14.24 -8.11
C ASP A 54 -14.42 12.96 -7.77
N PHE A 55 -13.68 13.01 -6.67
CA PHE A 55 -12.68 11.99 -6.39
C PHE A 55 -13.26 10.56 -6.35
N PHE A 56 -14.32 10.31 -5.61
CA PHE A 56 -14.82 8.94 -5.50
C PHE A 56 -15.56 8.54 -6.77
N SER A 57 -16.06 9.50 -7.58
CA SER A 57 -16.58 9.14 -8.90
C SER A 57 -15.44 8.63 -9.78
N THR A 58 -14.28 9.24 -9.64
CA THR A 58 -13.11 8.73 -10.34
C THR A 58 -12.86 7.29 -9.90
N CYS A 59 -12.88 7.04 -8.58
CA CYS A 59 -12.59 5.68 -8.12
C CYS A 59 -13.58 4.65 -8.69
N ARG A 60 -14.81 5.08 -8.98
CA ARG A 60 -15.85 4.16 -9.43
C ARG A 60 -15.95 4.02 -10.93
N SER A 61 -15.01 4.58 -11.66
CA SER A 61 -14.99 4.48 -13.11
C SER A 61 -13.76 3.65 -13.50
N PRO A 62 -13.97 2.41 -13.95
CA PRO A 62 -12.88 1.55 -14.40
C PRO A 62 -12.00 2.23 -15.43
N GLU A 63 -12.55 2.93 -16.41
CA GLU A 63 -11.74 3.57 -17.42
C GLU A 63 -10.86 4.65 -16.83
N ALA A 64 -11.42 5.47 -15.95
CA ALA A 64 -10.60 6.51 -15.32
C ALA A 64 -9.50 5.92 -14.46
N CYS A 65 -9.80 4.89 -13.69
CA CYS A 65 -8.75 4.29 -12.84
C CYS A 65 -7.67 3.71 -13.74
N CYS A 66 -8.08 3.00 -14.79
CA CYS A 66 -7.11 2.41 -15.71
C CYS A 66 -6.19 3.49 -16.30
N GLU A 67 -6.78 4.57 -16.78
CA GLU A 67 -6.00 5.64 -17.36
C GLU A 67 -4.96 6.26 -16.40
N LEU A 68 -5.35 6.53 -15.17
CA LEU A 68 -4.42 7.12 -14.20
C LEU A 68 -3.34 6.11 -13.89
N THR A 69 -3.66 4.82 -13.88
CA THR A 69 -2.65 3.77 -13.61
C THR A 69 -1.55 3.70 -14.68
N LEU A 70 -2.00 3.86 -15.93
CA LEU A 70 -1.15 3.79 -17.10
C LEU A 70 -0.30 5.03 -17.26
N GLN A 71 -0.79 6.19 -16.87
CA GLN A 71 -0.01 7.43 -17.12
C GLN A 71 1.47 7.39 -16.74
N PRO A 72 1.81 7.05 -15.50
CA PRO A 72 3.22 7.04 -15.14
C PRO A 72 4.04 6.08 -15.98
N LEU A 73 3.45 4.96 -16.37
CA LEU A 73 4.14 3.96 -17.20
C LEU A 73 4.50 4.48 -18.64
N ARG A 74 3.74 5.46 -19.13
CA ARG A 74 4.07 6.10 -20.39
C ARG A 74 5.25 7.06 -20.26
N ARG A 75 5.52 7.56 -19.04
CA ARG A 75 6.70 8.41 -18.81
C ARG A 75 7.94 7.67 -18.40
N PHE A 76 7.78 6.64 -17.55
CA PHE A 76 8.91 6.02 -16.92
C PHE A 76 8.79 4.48 -17.04
N PRO A 77 9.93 3.81 -17.22
CA PRO A 77 9.99 2.33 -17.27
C PRO A 77 9.93 1.67 -15.86
N LEU A 78 8.87 1.98 -15.14
CA LEU A 78 8.64 1.45 -13.82
C LEU A 78 8.34 -0.07 -13.98
N ASP A 79 8.69 -0.84 -12.96
CA ASP A 79 8.64 -2.30 -13.01
C ASP A 79 7.34 -2.85 -12.44
N ALA A 80 6.43 -1.97 -12.05
CA ALA A 80 5.10 -2.39 -11.54
C ALA A 80 4.11 -1.27 -11.73
N ALA A 81 2.86 -1.61 -11.90
CA ALA A 81 1.78 -0.65 -11.76
C ALA A 81 1.00 -0.88 -10.45
N ILE A 82 0.39 0.16 -9.90
CA ILE A 82 -0.54 -0.03 -8.78
C ILE A 82 -1.88 0.55 -9.16
N ILE A 83 -2.95 -0.18 -8.92
CA ILE A 83 -4.28 0.24 -9.32
C ILE A 83 -4.64 1.55 -8.62
N PHE A 84 -5.28 2.43 -9.37
CA PHE A 84 -5.84 3.65 -8.78
C PHE A 84 -7.11 3.36 -7.99
N SER A 85 -7.05 3.67 -6.70
CA SER A 85 -8.23 3.54 -5.80
C SER A 85 -7.92 4.34 -4.55
N GLU A 86 -8.57 4.04 -3.44
CA GLU A 86 -8.24 4.70 -2.18
C GLU A 86 -8.28 3.64 -1.07
N ILE A 87 -7.53 3.81 0.03
CA ILE A 87 -7.71 2.92 1.12
C ILE A 87 -9.05 3.18 1.79
N LEU A 88 -9.61 4.39 1.63
CA LEU A 88 -10.80 4.73 2.36
C LEU A 88 -12.08 4.14 1.74
N VAL A 89 -11.95 3.45 0.62
CA VAL A 89 -13.10 2.76 0.09
C VAL A 89 -13.62 1.70 1.01
N VAL A 90 -12.80 1.16 1.89
CA VAL A 90 -13.27 0.10 2.76
C VAL A 90 -14.23 0.68 3.85
N PRO A 91 -13.83 1.70 4.59
CA PRO A 91 -14.76 2.34 5.53
C PRO A 91 -16.05 2.85 4.86
N GLN A 92 -15.93 3.31 3.62
CA GLN A 92 -17.09 3.78 2.87
C GLN A 92 -18.03 2.61 2.60
N ALA A 93 -17.47 1.50 2.16
CA ALA A 93 -18.31 0.32 1.89
C ALA A 93 -18.85 -0.29 3.20
N LEU A 94 -18.26 0.00 4.37
CA LEU A 94 -18.83 -0.44 5.62
C LEU A 94 -19.97 0.44 6.05
N GLY A 95 -20.23 1.51 5.31
CA GLY A 95 -21.35 2.39 5.59
C GLY A 95 -21.06 3.76 6.13
N MET A 96 -19.80 4.15 6.21
CA MET A 96 -19.50 5.52 6.58
C MET A 96 -19.46 6.45 5.36
N GLU A 97 -19.95 7.66 5.53
CA GLU A 97 -19.84 8.68 4.50
C GLU A 97 -18.45 9.35 4.58
N VAL A 98 -17.77 9.46 3.45
CA VAL A 98 -16.45 10.06 3.39
C VAL A 98 -16.42 11.04 2.20
N THR A 99 -15.75 12.19 2.38
CA THR A 99 -15.53 13.17 1.31
C THR A 99 -14.02 13.41 1.06
N MET A 100 -13.69 13.93 -0.12
CA MET A 100 -12.35 14.34 -0.48
C MET A 100 -12.48 15.65 -1.24
N VAL A 101 -12.83 16.72 -0.54
CA VAL A 101 -12.89 18.04 -1.18
C VAL A 101 -11.43 18.53 -1.38
N PRO A 102 -11.11 19.03 -2.59
CA PRO A 102 -9.77 19.55 -2.89
C PRO A 102 -9.31 20.59 -1.88
N GLY A 103 -8.06 20.48 -1.45
CA GLY A 103 -7.49 21.36 -0.45
C GLY A 103 -7.68 20.91 1.00
N LYS A 104 -8.57 19.94 1.24
CA LYS A 104 -8.87 19.53 2.62
C LYS A 104 -8.46 18.09 2.99
N GLY A 105 -8.18 17.19 2.03
CA GLY A 105 -7.93 15.79 2.35
C GLY A 105 -9.22 15.06 2.74
N PRO A 106 -9.15 13.78 3.13
CA PRO A 106 -10.36 13.00 3.41
C PRO A 106 -11.00 13.43 4.69
N SER A 107 -12.31 13.46 4.70
CA SER A 107 -13.07 13.69 5.93
C SER A 107 -14.27 12.75 6.06
N PHE A 108 -14.50 12.25 7.29
CA PHE A 108 -15.73 11.59 7.65
C PHE A 108 -16.47 12.57 8.53
N PRO A 109 -17.55 13.14 8.04
CA PRO A 109 -18.35 14.09 8.83
C PRO A 109 -19.01 13.50 10.11
N GLU A 110 -19.25 12.19 10.14
CA GLU A 110 -19.78 11.52 11.28
C GLU A 110 -18.88 10.34 11.71
N PRO A 111 -17.78 10.64 12.37
CA PRO A 111 -16.88 9.58 12.84
C PRO A 111 -17.50 8.73 13.93
N LEU A 112 -16.88 7.57 14.13
CA LEU A 112 -17.24 6.69 15.20
C LEU A 112 -16.72 7.26 16.51
N ARG A 113 -17.60 7.48 17.48
CA ARG A 113 -17.09 8.07 18.72
C ARG A 113 -17.40 7.25 19.95
N GLU A 114 -18.40 6.41 19.86
CA GLU A 114 -18.64 5.47 20.94
C GLU A 114 -18.96 4.08 20.43
N GLU A 115 -18.93 3.11 21.33
CA GLU A 115 -19.08 1.73 20.98
C GLU A 115 -20.36 1.47 20.18
N GLN A 116 -21.43 2.17 20.56
CA GLN A 116 -22.73 1.95 19.96
C GLN A 116 -22.72 2.33 18.49
N ASP A 117 -21.84 3.25 18.09
CA ASP A 117 -21.67 3.61 16.68
C ASP A 117 -21.25 2.47 15.77
N LEU A 118 -20.68 1.39 16.30
CA LEU A 118 -20.39 0.22 15.50
C LEU A 118 -21.66 -0.43 14.87
N GLU A 119 -22.83 -0.16 15.46
CA GLU A 119 -24.10 -0.68 14.97
C GLU A 119 -24.45 -0.19 13.55
N ARG A 120 -23.91 0.95 13.15
N ARG A 120 -23.89 0.92 13.14
CA ARG A 120 -24.23 1.55 11.83
CA ARG A 120 -24.28 1.47 11.87
C ARG A 120 -23.55 0.75 10.70
C ARG A 120 -23.44 0.90 10.70
N LEU A 121 -22.49 0.02 11.01
CA LEU A 121 -21.65 -0.59 9.99
C LEU A 121 -22.30 -1.81 9.36
N ARG A 122 -22.06 -2.00 8.07
CA ARG A 122 -22.40 -3.22 7.38
C ARG A 122 -21.70 -4.44 7.94
N ASP A 123 -22.34 -5.59 7.74
N ASP A 123 -22.33 -5.60 7.75
CA ASP A 123 -21.69 -6.88 7.99
CA ASP A 123 -21.68 -6.85 8.08
C ASP A 123 -20.47 -6.87 7.10
C ASP A 123 -20.49 -6.94 7.13
N PRO A 124 -19.30 -7.22 7.65
CA PRO A 124 -18.07 -7.20 6.83
C PRO A 124 -18.10 -8.17 5.64
N GLU A 125 -18.89 -9.25 5.75
CA GLU A 125 -19.03 -10.21 4.66
C GLU A 125 -19.63 -9.62 3.37
N VAL A 126 -20.29 -8.49 3.44
CA VAL A 126 -20.89 -7.88 2.24
C VAL A 126 -20.06 -6.77 1.60
N VAL A 127 -18.94 -6.38 2.23
CA VAL A 127 -18.11 -5.29 1.71
C VAL A 127 -17.57 -5.56 0.32
N ALA A 128 -17.16 -6.79 0.07
CA ALA A 128 -16.57 -7.12 -1.23
C ALA A 128 -17.56 -6.84 -2.36
N SER A 129 -18.82 -7.17 -2.13
CA SER A 129 -19.84 -6.96 -3.15
C SER A 129 -20.08 -5.44 -3.33
N GLU A 130 -19.87 -4.65 -2.30
CA GLU A 130 -19.97 -3.21 -2.47
C GLU A 130 -18.77 -2.62 -3.24
N LEU A 131 -17.70 -3.37 -3.31
CA LEU A 131 -16.49 -2.89 -3.95
C LEU A 131 -16.22 -3.51 -5.34
N GLY A 132 -17.27 -4.00 -5.98
CA GLY A 132 -17.19 -4.52 -7.34
C GLY A 132 -16.55 -3.59 -8.33
N TYR A 133 -16.78 -2.30 -8.15
CA TYR A 133 -16.17 -1.34 -9.05
C TYR A 133 -14.63 -1.34 -9.02
N VAL A 134 -14.03 -1.61 -7.86
CA VAL A 134 -12.60 -1.78 -7.77
C VAL A 134 -12.14 -3.01 -8.56
N PHE A 135 -12.87 -4.12 -8.45
CA PHE A 135 -12.49 -5.31 -9.17
C PHE A 135 -12.61 -5.06 -10.68
N GLN A 136 -13.64 -4.32 -11.13
CA GLN A 136 -13.77 -3.98 -12.54
C GLN A 136 -12.57 -3.16 -13.03
N ALA A 137 -12.11 -2.22 -12.20
CA ALA A 137 -10.95 -1.43 -12.54
C ALA A 137 -9.71 -2.30 -12.62
N ILE A 138 -9.53 -3.25 -11.69
CA ILE A 138 -8.39 -4.14 -11.72
C ILE A 138 -8.38 -5.00 -12.99
N THR A 139 -9.51 -5.59 -13.35
CA THR A 139 -9.58 -6.48 -14.54
C THR A 139 -9.29 -5.67 -15.81
N LEU A 140 -9.92 -4.51 -15.92
CA LEU A 140 -9.70 -3.67 -17.07
C LEU A 140 -8.22 -3.25 -17.25
N THR A 141 -7.62 -2.82 -16.15
CA THR A 141 -6.27 -2.33 -16.17
C THR A 141 -5.32 -3.49 -16.49
N ARG A 142 -5.58 -4.69 -15.95
CA ARG A 142 -4.71 -5.83 -16.25
C ARG A 142 -4.76 -6.20 -17.74
N GLN A 143 -5.95 -6.10 -18.33
N GLN A 143 -5.95 -6.10 -18.33
CA GLN A 143 -6.12 -6.37 -19.74
CA GLN A 143 -6.12 -6.32 -19.75
C GLN A 143 -5.41 -5.28 -20.58
C GLN A 143 -5.33 -5.28 -20.54
N ARG A 144 -5.57 -4.02 -20.20
CA ARG A 144 -5.00 -2.89 -20.96
C ARG A 144 -3.47 -2.86 -20.84
N LEU A 145 -2.92 -3.26 -19.67
CA LEU A 145 -1.49 -3.32 -19.48
C LEU A 145 -0.83 -4.34 -20.40
N ALA A 146 -1.61 -5.36 -20.78
CA ALA A 146 -1.22 -6.33 -21.79
C ALA A 146 0.07 -6.99 -21.45
N GLY A 147 0.26 -7.30 -20.17
CA GLY A 147 1.45 -7.97 -19.72
C GLY A 147 2.70 -7.12 -19.58
N ARG A 148 2.59 -5.82 -19.67
CA ARG A 148 3.80 -5.00 -19.60
C ARG A 148 4.60 -5.21 -18.28
N VAL A 149 3.91 -5.03 -17.15
CA VAL A 149 4.46 -5.17 -15.79
C VAL A 149 3.32 -5.71 -14.88
N PRO A 150 3.66 -6.23 -13.73
CA PRO A 150 2.64 -6.71 -12.80
C PRO A 150 1.80 -5.60 -12.21
N LEU A 151 0.56 -5.92 -11.83
CA LEU A 151 -0.37 -4.94 -11.33
C LEU A 151 -0.59 -5.24 -9.84
N ILE A 152 -0.30 -4.26 -9.00
CA ILE A 152 -0.44 -4.38 -7.55
C ILE A 152 -1.86 -3.91 -7.11
N GLY A 153 -2.53 -4.70 -6.31
CA GLY A 153 -3.73 -4.28 -5.59
C GLY A 153 -3.34 -3.85 -4.17
N PHE A 154 -4.27 -3.28 -3.42
CA PHE A 154 -3.92 -2.78 -2.10
C PHE A 154 -5.14 -2.45 -1.23
N ALA A 155 -4.85 -2.27 0.06
CA ALA A 155 -5.85 -1.83 1.03
C ALA A 155 -5.14 -1.22 2.23
N GLY A 156 -5.89 -0.51 3.06
CA GLY A 156 -5.37 -0.03 4.33
C GLY A 156 -5.35 -1.17 5.37
N ALA A 157 -4.38 -1.17 6.26
CA ALA A 157 -4.36 -2.10 7.38
C ALA A 157 -5.41 -1.72 8.38
N PRO A 158 -5.90 -2.69 9.15
CA PRO A 158 -6.99 -2.46 10.11
C PRO A 158 -6.80 -1.25 11.04
N TRP A 159 -5.64 -1.16 11.72
CA TRP A 159 -5.39 -0.03 12.61
C TRP A 159 -5.48 1.29 11.84
N THR A 160 -4.79 1.38 10.72
CA THR A 160 -4.81 2.62 10.00
C THR A 160 -6.22 3.02 9.57
N LEU A 161 -7.01 2.05 9.12
CA LEU A 161 -8.39 2.30 8.74
C LEU A 161 -9.22 2.74 9.95
N MET A 162 -9.00 2.09 11.06
CA MET A 162 -9.61 2.53 12.31
C MET A 162 -9.32 3.97 12.68
N THR A 163 -8.08 4.43 12.48
CA THR A 163 -7.77 5.81 12.82
C THR A 163 -8.64 6.80 12.04
N TYR A 164 -8.84 6.52 10.78
CA TYR A 164 -9.66 7.40 9.97
C TYR A 164 -11.09 7.35 10.43
N MET A 165 -11.56 6.16 10.80
CA MET A 165 -12.98 6.00 11.18
C MET A 165 -13.33 6.72 12.49
N VAL A 166 -12.37 6.79 13.39
CA VAL A 166 -12.53 7.42 14.68
C VAL A 166 -12.15 8.88 14.65
N GLU A 167 -11.01 9.20 14.07
CA GLU A 167 -10.55 10.59 14.05
C GLU A 167 -11.35 11.43 13.09
N GLY A 168 -11.87 10.81 12.03
CA GLY A 168 -12.64 11.56 11.05
C GLY A 168 -11.81 12.18 9.94
N GLY A 169 -10.54 11.81 9.91
CA GLY A 169 -9.56 12.44 9.02
C GLY A 169 -8.16 12.24 9.58
N GLY A 170 -7.17 12.97 9.04
CA GLY A 170 -5.78 12.99 9.50
C GLY A 170 -5.61 13.52 10.92
N SER A 171 -4.53 13.12 11.59
CA SER A 171 -4.28 13.62 12.94
C SER A 171 -2.81 13.55 13.21
N SER A 172 -2.27 14.54 13.91
CA SER A 172 -0.86 14.48 14.29
C SER A 172 -0.60 13.56 15.53
N THR A 173 -1.63 13.25 16.30
CA THR A 173 -1.49 12.45 17.53
C THR A 173 -2.26 11.14 17.58
N MET A 174 -3.31 11.02 16.77
CA MET A 174 -4.26 9.92 16.94
C MET A 174 -4.79 9.85 18.36
N ALA A 175 -5.02 10.97 19.02
CA ALA A 175 -5.41 10.94 20.43
C ALA A 175 -6.76 10.29 20.67
N GLN A 176 -7.71 10.46 19.75
N GLN A 176 -7.68 10.44 19.72
CA GLN A 176 -9.02 9.82 19.92
CA GLN A 176 -9.02 9.89 19.84
C GLN A 176 -8.96 8.33 19.63
C GLN A 176 -9.03 8.39 19.57
N ALA A 177 -8.29 7.95 18.55
CA ALA A 177 -8.14 6.53 18.24
C ALA A 177 -7.37 5.80 19.31
N LYS A 178 -6.32 6.43 19.83
CA LYS A 178 -5.57 5.81 20.93
C LYS A 178 -6.36 5.78 22.23
N ARG A 179 -7.18 6.79 22.46
CA ARG A 179 -8.08 6.77 23.59
C ARG A 179 -9.00 5.52 23.52
N TRP A 180 -9.46 5.16 22.30
CA TRP A 180 -10.22 3.91 22.14
C TRP A 180 -9.40 2.74 22.59
N LEU A 181 -8.13 2.65 22.15
CA LEU A 181 -7.35 1.51 22.50
C LEU A 181 -7.15 1.35 24.01
N TYR A 182 -6.93 2.45 24.71
CA TYR A 182 -6.75 2.40 26.16
C TYR A 182 -8.03 2.30 26.99
N GLN A 183 -9.07 3.03 26.59
CA GLN A 183 -10.33 3.11 27.34
C GLN A 183 -11.43 2.16 26.87
N ARG A 184 -11.37 1.77 25.59
N ARG A 184 -11.36 1.77 25.60
CA ARG A 184 -12.34 0.86 24.96
CA ARG A 184 -12.36 0.89 25.00
C ARG A 184 -11.66 -0.31 24.25
C ARG A 184 -11.68 -0.29 24.25
N PRO A 185 -10.84 -1.07 24.94
CA PRO A 185 -10.07 -2.12 24.27
C PRO A 185 -10.93 -3.18 23.59
N GLN A 186 -12.03 -3.54 24.24
N GLN A 186 -12.04 -3.57 24.20
CA GLN A 186 -12.96 -4.53 23.72
CA GLN A 186 -12.86 -4.60 23.60
C GLN A 186 -13.60 -4.05 22.40
C GLN A 186 -13.62 -4.07 22.37
N ALA A 187 -14.13 -2.84 22.42
CA ALA A 187 -14.79 -2.25 21.25
C ALA A 187 -13.76 -2.01 20.12
N SER A 188 -12.54 -1.65 20.50
CA SER A 188 -11.43 -1.57 19.55
C SER A 188 -11.18 -2.88 18.88
N HIS A 189 -10.98 -3.96 19.64
CA HIS A 189 -10.77 -5.28 19.03
C HIS A 189 -12.00 -5.62 18.12
N GLN A 190 -13.17 -5.20 18.51
CA GLN A 190 -14.35 -5.54 17.72
C GLN A 190 -14.30 -4.83 16.33
N LEU A 191 -13.99 -3.56 16.33
CA LEU A 191 -13.80 -2.76 15.12
C LEU A 191 -12.66 -3.35 14.25
N LEU A 192 -11.54 -3.66 14.89
CA LEU A 192 -10.40 -4.21 14.17
C LEU A 192 -10.69 -5.55 13.53
N ARG A 193 -11.49 -6.37 14.22
CA ARG A 193 -11.95 -7.61 13.62
C ARG A 193 -12.94 -7.38 12.49
N ILE A 194 -13.86 -6.44 12.62
CA ILE A 194 -14.78 -6.09 11.50
C ILE A 194 -13.93 -5.71 10.27
N LEU A 195 -12.96 -4.86 10.49
CA LEU A 195 -12.10 -4.41 9.41
C LEU A 195 -11.35 -5.55 8.72
N THR A 196 -10.75 -6.43 9.52
CA THR A 196 -10.03 -7.58 9.03
C THR A 196 -10.99 -8.48 8.20
N ASP A 197 -12.18 -8.70 8.72
CA ASP A 197 -13.12 -9.59 8.05
C ASP A 197 -13.67 -8.99 6.75
N ALA A 198 -13.64 -7.66 6.64
CA ALA A 198 -14.00 -6.98 5.37
C ALA A 198 -12.81 -6.99 4.43
N LEU A 199 -11.62 -6.80 5.00
CA LEU A 199 -10.44 -6.72 4.15
C LEU A 199 -10.10 -8.00 3.40
N VAL A 200 -10.26 -9.12 4.08
CA VAL A 200 -9.85 -10.39 3.54
C VAL A 200 -10.56 -10.74 2.23
N PRO A 201 -11.87 -10.75 2.22
CA PRO A 201 -12.61 -11.04 1.00
C PRO A 201 -12.41 -9.93 -0.07
N TYR A 202 -12.21 -8.69 0.36
CA TYR A 202 -11.85 -7.64 -0.58
C TYR A 202 -10.51 -7.89 -1.28
N LEU A 203 -9.50 -8.22 -0.52
CA LEU A 203 -8.17 -8.47 -1.07
C LEU A 203 -8.16 -9.73 -1.94
N VAL A 204 -8.85 -10.76 -1.48
CA VAL A 204 -9.05 -11.98 -2.28
C VAL A 204 -9.68 -11.60 -3.64
N GLY A 205 -10.76 -10.83 -3.58
CA GLY A 205 -11.45 -10.37 -4.80
C GLY A 205 -10.56 -9.60 -5.76
N GLN A 206 -9.65 -8.80 -5.19
CA GLN A 206 -8.69 -8.06 -6.02
C GLN A 206 -7.82 -9.02 -6.82
N VAL A 207 -7.41 -10.11 -6.19
CA VAL A 207 -6.57 -11.09 -6.89
C VAL A 207 -7.43 -11.86 -7.94
N VAL A 208 -8.66 -12.22 -7.58
CA VAL A 208 -9.56 -12.91 -8.51
C VAL A 208 -9.74 -12.05 -9.80
N ALA A 209 -9.83 -10.75 -9.60
CA ALA A 209 -10.01 -9.80 -10.68
C ALA A 209 -8.73 -9.55 -11.46
N GLY A 210 -7.58 -9.98 -10.97
CA GLY A 210 -6.35 -9.77 -11.71
C GLY A 210 -5.14 -9.23 -11.01
N ALA A 211 -5.25 -8.78 -9.77
CA ALA A 211 -4.07 -8.29 -9.05
C ALA A 211 -3.01 -9.40 -8.96
N GLN A 212 -1.77 -9.03 -9.15
CA GLN A 212 -0.64 -9.95 -9.15
C GLN A 212 0.27 -9.83 -7.91
N ALA A 213 -0.06 -8.87 -7.03
CA ALA A 213 0.59 -8.65 -5.75
C ALA A 213 -0.33 -7.75 -4.97
N LEU A 214 -0.11 -7.69 -3.65
CA LEU A 214 -0.95 -6.91 -2.72
C LEU A 214 -0.09 -6.17 -1.67
N GLN A 215 -0.40 -4.90 -1.46
CA GLN A 215 0.26 -4.12 -0.45
C GLN A 215 -0.79 -3.67 0.56
N LEU A 216 -0.47 -3.88 1.84
CA LEU A 216 -1.28 -3.43 2.92
C LEU A 216 -0.54 -2.21 3.54
N PHE A 217 -1.22 -1.07 3.56
CA PHE A 217 -0.66 0.19 4.07
C PHE A 217 -1.05 0.39 5.54
N GLU A 218 -0.12 0.12 6.42
CA GLU A 218 -0.25 0.52 7.83
C GLU A 218 0.45 1.86 8.01
N SER A 219 -0.12 2.87 7.38
CA SER A 219 0.50 4.22 7.39
C SER A 219 0.62 4.91 8.72
N HIS A 220 -0.18 4.47 9.70
N HIS A 220 -0.18 4.49 9.71
CA HIS A 220 -0.24 5.13 11.02
CA HIS A 220 -0.19 5.16 11.02
C HIS A 220 0.31 4.26 12.16
C HIS A 220 0.35 4.29 12.16
N ALA A 221 1.20 3.34 11.81
CA ALA A 221 1.87 2.48 12.77
C ALA A 221 2.65 3.26 13.83
N GLY A 222 3.27 4.35 13.36
CA GLY A 222 4.18 5.18 14.12
C GLY A 222 3.63 5.76 15.38
N HIS A 223 2.32 5.99 15.40
N HIS A 223 2.32 6.02 15.41
CA HIS A 223 1.68 6.55 16.54
CA HIS A 223 1.69 6.57 16.58
C HIS A 223 1.59 5.59 17.71
C HIS A 223 1.61 5.59 17.72
N LEU A 224 1.68 4.29 17.42
CA LEU A 224 1.52 3.25 18.43
C LEU A 224 2.69 2.97 19.33
N GLY A 225 3.86 2.72 18.82
CA GLY A 225 4.82 2.12 19.75
C GLY A 225 4.61 0.62 19.98
N PRO A 226 5.62 -0.04 20.50
CA PRO A 226 5.66 -1.50 20.50
C PRO A 226 4.54 -2.19 21.25
N GLN A 227 4.19 -1.77 22.46
CA GLN A 227 3.20 -2.51 23.23
C GLN A 227 1.78 -2.44 22.57
N LEU A 228 1.35 -1.25 22.18
CA LEU A 228 0.07 -1.11 21.53
C LEU A 228 0.07 -1.71 20.15
N PHE A 229 1.19 -1.60 19.43
CA PHE A 229 1.27 -2.17 18.09
C PHE A 229 1.09 -3.71 18.13
N ASN A 230 1.80 -4.36 19.07
CA ASN A 230 1.67 -5.81 19.22
C ASN A 230 0.30 -6.29 19.66
N LYS A 231 -0.41 -5.49 20.43
CA LYS A 231 -1.74 -5.86 20.89
C LYS A 231 -2.83 -5.60 19.88
N PHE A 232 -2.75 -4.45 19.19
CA PHE A 232 -3.87 -3.93 18.38
C PHE A 232 -3.64 -3.87 16.87
N ALA A 233 -2.42 -3.79 16.41
CA ALA A 233 -2.18 -3.74 14.97
C ALA A 233 -1.69 -5.08 14.42
N LEU A 234 -0.63 -5.60 15.03
CA LEU A 234 0.01 -6.79 14.55
C LEU A 234 -0.89 -8.02 14.40
N PRO A 235 -1.79 -8.31 15.33
CA PRO A 235 -2.60 -9.54 15.18
C PRO A 235 -3.43 -9.53 13.93
N TYR A 236 -3.98 -8.37 13.60
CA TYR A 236 -4.84 -8.22 12.43
C TYR A 236 -4.03 -8.16 11.14
N ILE A 237 -2.85 -7.56 11.17
CA ILE A 237 -1.91 -7.65 10.03
C ILE A 237 -1.59 -9.13 9.73
N ARG A 238 -1.26 -9.90 10.75
CA ARG A 238 -0.97 -11.31 10.57
C ARG A 238 -2.19 -12.11 10.04
N ASP A 239 -3.37 -11.80 10.57
CA ASP A 239 -4.59 -12.51 10.22
C ASP A 239 -4.97 -12.23 8.74
N VAL A 240 -4.81 -10.98 8.28
CA VAL A 240 -5.06 -10.61 6.86
C VAL A 240 -4.27 -11.49 5.93
N ALA A 241 -2.98 -11.62 6.17
CA ALA A 241 -2.13 -12.42 5.30
C ALA A 241 -2.49 -13.90 5.37
N LYS A 242 -2.70 -14.43 6.55
CA LYS A 242 -2.95 -15.86 6.70
C LYS A 242 -4.22 -16.23 5.94
N GLN A 243 -5.23 -15.40 6.13
CA GLN A 243 -6.55 -15.63 5.56
C GLN A 243 -6.60 -15.41 4.08
N VAL A 244 -5.93 -14.38 3.59
CA VAL A 244 -5.95 -14.15 2.16
C VAL A 244 -5.26 -15.34 1.42
N LYS A 245 -4.11 -15.78 1.92
CA LYS A 245 -3.41 -16.89 1.30
C LYS A 245 -4.30 -18.14 1.33
N ALA A 246 -5.00 -18.35 2.44
CA ALA A 246 -5.83 -19.55 2.60
C ALA A 246 -6.98 -19.60 1.65
N ARG A 247 -7.66 -18.47 1.50
CA ARG A 247 -8.79 -18.41 0.59
C ARG A 247 -8.41 -18.57 -0.88
N LEU A 248 -7.27 -17.99 -1.27
CA LEU A 248 -6.78 -18.10 -2.62
C LEU A 248 -6.44 -19.58 -2.94
N ARG A 249 -5.72 -20.24 -2.05
N ARG A 249 -5.71 -20.25 -2.04
CA ARG A 249 -5.40 -21.66 -2.23
CA ARG A 249 -5.38 -21.66 -2.25
C ARG A 249 -6.69 -22.47 -2.43
C ARG A 249 -6.67 -22.49 -2.41
N GLU A 250 -7.68 -22.15 -1.59
CA GLU A 250 -8.93 -22.90 -1.60
C GLU A 250 -9.69 -22.71 -2.87
N ALA A 251 -9.58 -21.53 -3.47
CA ALA A 251 -10.29 -21.21 -4.71
C ALA A 251 -9.50 -21.69 -5.94
N GLY A 252 -8.36 -22.34 -5.73
CA GLY A 252 -7.62 -22.91 -6.84
C GLY A 252 -6.67 -21.93 -7.52
N LEU A 253 -6.44 -20.78 -6.88
CA LEU A 253 -5.60 -19.72 -7.44
C LEU A 253 -4.22 -19.72 -6.84
N ALA A 254 -3.32 -19.07 -7.53
CA ALA A 254 -1.96 -18.92 -7.05
C ALA A 254 -1.91 -17.78 -6.07
N PRO A 255 -1.55 -17.99 -4.80
N PRO A 255 -0.87 -17.91 -5.26
CA PRO A 255 -1.35 -16.82 -3.93
CA PRO A 255 -0.65 -17.00 -4.16
C PRO A 255 -0.21 -15.92 -4.49
C PRO A 255 -0.08 -15.77 -4.81
N VAL A 256 -0.30 -14.61 -4.22
CA VAL A 256 0.50 -13.51 -4.73
C VAL A 256 1.41 -13.03 -3.60
N PRO A 257 2.49 -12.41 -3.98
CA PRO A 257 3.36 -11.78 -2.99
C PRO A 257 2.61 -10.63 -2.29
N MET A 258 2.73 -10.58 -0.99
CA MET A 258 2.10 -9.55 -0.15
C MET A 258 3.16 -8.69 0.54
N ILE A 259 2.92 -7.36 0.54
CA ILE A 259 3.86 -6.40 1.11
C ILE A 259 3.17 -5.78 2.30
N ILE A 260 3.83 -5.69 3.44
CA ILE A 260 3.37 -4.87 4.53
C ILE A 260 4.24 -3.61 4.65
N PHE A 261 3.59 -2.46 4.62
CA PHE A 261 4.28 -1.17 4.72
C PHE A 261 3.80 -0.49 5.99
N ALA A 262 4.65 -0.46 7.01
CA ALA A 262 4.30 0.16 8.28
C ALA A 262 5.14 1.42 8.41
N LYS A 263 4.58 2.52 7.99
CA LYS A 263 5.30 3.77 8.05
C LYS A 263 5.54 4.17 9.50
N ASP A 264 6.78 4.55 9.77
CA ASP A 264 7.26 4.89 11.12
C ASP A 264 7.23 3.66 12.03
N GLY A 265 7.29 2.48 11.42
CA GLY A 265 7.28 1.22 12.17
C GLY A 265 8.63 0.60 12.47
N HIS A 266 9.69 1.43 12.66
CA HIS A 266 11.06 0.92 12.98
C HIS A 266 11.02 -0.14 14.08
N PHE A 267 10.19 0.13 15.07
CA PHE A 267 10.10 -0.69 16.28
C PHE A 267 9.44 -2.04 16.08
N ALA A 268 8.77 -2.24 14.96
CA ALA A 268 8.04 -3.49 14.73
C ALA A 268 8.66 -4.38 13.64
N LEU A 269 9.83 -3.98 13.13
CA LEU A 269 10.39 -4.69 11.96
C LEU A 269 10.61 -6.18 12.18
N GLU A 270 11.16 -6.57 13.34
N GLU A 270 11.10 -6.55 13.37
CA GLU A 270 11.34 -7.99 13.62
CA GLU A 270 11.33 -7.95 13.72
C GLU A 270 10.01 -8.74 13.53
C GLU A 270 10.06 -8.78 13.68
N GLU A 271 8.98 -8.24 14.21
CA GLU A 271 7.67 -8.90 14.19
C GLU A 271 7.08 -8.91 12.76
N LEU A 272 7.22 -7.79 12.05
CA LEU A 272 6.68 -7.71 10.71
C LEU A 272 7.31 -8.70 9.77
N ALA A 273 8.58 -9.00 10.01
CA ALA A 273 9.30 -10.02 9.24
C ALA A 273 8.80 -11.47 9.45
N GLN A 274 8.00 -11.68 10.50
CA GLN A 274 7.48 -12.98 10.90
C GLN A 274 5.95 -13.03 10.70
N ALA A 275 5.39 -12.01 10.00
CA ALA A 275 3.97 -11.80 9.97
C ALA A 275 3.31 -12.39 8.72
N GLY A 276 4.08 -13.06 7.86
CA GLY A 276 3.54 -13.83 6.76
C GLY A 276 3.41 -13.03 5.47
N TYR A 277 4.21 -11.98 5.34
CA TYR A 277 4.35 -11.14 4.15
C TYR A 277 5.71 -11.44 3.53
N GLU A 278 5.74 -11.48 2.20
CA GLU A 278 6.99 -11.69 1.44
C GLU A 278 7.90 -10.47 1.51
N VAL A 279 7.28 -9.29 1.57
CA VAL A 279 8.00 -8.01 1.50
C VAL A 279 7.61 -7.11 2.67
N VAL A 280 8.62 -6.46 3.28
CA VAL A 280 8.42 -5.49 4.36
C VAL A 280 8.91 -4.15 3.74
N GLY A 281 7.98 -3.20 3.61
CA GLY A 281 8.28 -1.86 3.15
C GLY A 281 8.78 -0.94 4.23
N LEU A 282 9.72 -0.07 3.90
CA LEU A 282 10.41 0.74 4.88
C LEU A 282 10.24 2.23 4.58
N ASP A 283 10.05 3.02 5.63
CA ASP A 283 10.15 4.45 5.52
C ASP A 283 11.62 4.84 5.46
N TRP A 284 11.87 6.13 5.17
CA TRP A 284 13.24 6.60 4.95
C TRP A 284 14.06 6.79 6.22
N THR A 285 13.46 6.68 7.40
CA THR A 285 14.15 6.93 8.66
C THR A 285 14.92 5.73 9.13
N VAL A 286 14.65 4.57 8.55
CA VAL A 286 15.34 3.33 8.93
C VAL A 286 16.56 3.12 7.99
N ALA A 287 17.77 3.06 8.54
CA ALA A 287 18.96 2.77 7.72
C ALA A 287 18.79 1.37 7.13
N PRO A 288 18.97 1.21 5.85
CA PRO A 288 18.80 -0.11 5.21
C PRO A 288 19.49 -1.28 5.88
N LYS A 289 20.72 -1.08 6.30
CA LYS A 289 21.47 -2.17 6.97
C LYS A 289 20.90 -2.52 8.33
N LYS A 290 20.40 -1.54 9.06
CA LYS A 290 19.70 -1.85 10.30
C LYS A 290 18.39 -2.60 10.07
N ALA A 291 17.62 -2.18 9.07
CA ALA A 291 16.42 -2.90 8.67
C ALA A 291 16.76 -4.35 8.37
N ARG A 292 17.85 -4.55 7.62
CA ARG A 292 18.23 -5.92 7.22
C ARG A 292 18.60 -6.79 8.44
N GLU A 293 19.28 -6.22 9.43
CA GLU A 293 19.57 -6.95 10.68
C GLU A 293 18.24 -7.28 11.40
N CYS A 294 17.25 -6.39 11.36
CA CYS A 294 15.99 -6.64 12.05
C CYS A 294 15.19 -7.77 11.42
N VAL A 295 15.10 -7.74 10.10
CA VAL A 295 14.14 -8.63 9.42
C VAL A 295 14.73 -9.99 9.06
N GLY A 296 16.06 -10.08 9.02
CA GLY A 296 16.73 -11.31 8.70
C GLY A 296 16.88 -11.53 7.22
N LYS A 297 17.26 -12.75 6.84
CA LYS A 297 17.69 -13.01 5.46
C LYS A 297 16.62 -13.55 4.55
N THR A 298 15.37 -13.64 5.00
CA THR A 298 14.36 -14.37 4.25
C THR A 298 13.14 -13.55 3.81
N VAL A 299 13.11 -12.26 4.16
CA VAL A 299 12.12 -11.41 3.56
C VAL A 299 12.80 -10.46 2.62
N THR A 300 12.02 -10.00 1.66
CA THR A 300 12.42 -8.93 0.77
C THR A 300 12.10 -7.56 1.42
N LEU A 301 12.99 -6.61 1.21
CA LEU A 301 12.81 -5.23 1.71
C LEU A 301 12.41 -4.37 0.52
N GLN A 302 11.48 -3.42 0.74
CA GLN A 302 11.11 -2.41 -0.25
C GLN A 302 11.32 -0.99 0.33
N GLY A 303 11.83 -0.11 -0.52
CA GLY A 303 12.05 1.29 -0.18
C GLY A 303 13.41 1.75 -0.65
N ASN A 304 13.94 2.79 0.00
CA ASN A 304 13.24 3.56 1.05
C ASN A 304 13.61 5.04 0.97
N LEU A 305 13.88 5.54 -0.24
CA LEU A 305 14.47 6.88 -0.38
C LEU A 305 13.49 7.96 0.13
N ASP A 306 14.01 8.91 0.92
CA ASP A 306 13.22 10.07 1.35
C ASP A 306 12.55 10.65 0.14
N PRO A 307 11.23 10.76 0.10
CA PRO A 307 10.61 11.30 -1.10
C PRO A 307 11.14 12.72 -1.43
N CYS A 308 11.48 13.48 -0.38
CA CYS A 308 11.94 14.83 -0.57
C CYS A 308 13.33 14.90 -1.25
N ALA A 309 14.07 13.81 -1.24
CA ALA A 309 15.34 13.73 -1.98
C ALA A 309 15.14 14.08 -3.47
N LEU A 310 13.93 13.87 -3.98
CA LEU A 310 13.62 14.19 -5.38
C LEU A 310 13.55 15.66 -5.62
N TYR A 311 13.59 16.45 -4.55
CA TYR A 311 13.73 17.92 -4.73
C TYR A 311 15.15 18.29 -5.12
N ALA A 312 16.10 17.42 -4.83
CA ALA A 312 17.50 17.62 -5.21
C ALA A 312 17.71 17.51 -6.72
N SER A 313 18.91 17.83 -7.17
CA SER A 313 19.21 17.84 -8.62
C SER A 313 19.18 16.41 -9.17
N GLU A 314 19.02 16.25 -10.49
CA GLU A 314 19.07 14.91 -11.09
C GLU A 314 20.36 14.18 -10.71
N GLU A 315 21.48 14.90 -10.73
CA GLU A 315 22.77 14.31 -10.39
C GLU A 315 22.82 13.87 -8.93
N GLU A 316 22.34 14.71 -8.02
CA GLU A 316 22.37 14.34 -6.61
C GLU A 316 21.44 13.16 -6.37
N ILE A 317 20.28 13.14 -7.02
CA ILE A 317 19.38 11.99 -6.90
C ILE A 317 20.13 10.69 -7.25
N GLY A 318 20.91 10.74 -8.34
CA GLY A 318 21.69 9.58 -8.73
C GLY A 318 22.64 9.11 -7.66
N GLN A 319 23.30 10.04 -6.98
CA GLN A 319 24.26 9.71 -5.96
C GLN A 319 23.56 9.19 -4.69
N LEU A 320 22.42 9.76 -4.36
CA LEU A 320 21.68 9.28 -3.20
C LEU A 320 21.15 7.84 -3.47
N VAL A 321 20.75 7.59 -4.71
CA VAL A 321 20.25 6.26 -5.11
C VAL A 321 21.38 5.28 -5.05
N LYS A 322 22.56 5.69 -5.51
CA LYS A 322 23.72 4.82 -5.47
C LYS A 322 24.06 4.42 -4.05
N GLN A 323 24.10 5.38 -3.14
CA GLN A 323 24.35 5.09 -1.74
C GLN A 323 23.28 4.11 -1.17
N MET A 324 22.02 4.35 -1.50
CA MET A 324 20.93 3.52 -1.00
C MET A 324 21.09 2.09 -1.45
N LEU A 325 21.39 1.90 -2.74
CA LEU A 325 21.57 0.55 -3.31
C LEU A 325 22.79 -0.15 -2.71
N ASP A 326 23.86 0.59 -2.44
CA ASP A 326 25.01 0.00 -1.75
C ASP A 326 24.62 -0.56 -0.41
N ASP A 327 23.78 0.17 0.33
CA ASP A 327 23.38 -0.27 1.64
C ASP A 327 22.43 -1.51 1.60
N PHE A 328 21.47 -1.53 0.69
CA PHE A 328 20.54 -2.67 0.64
C PHE A 328 21.22 -3.94 0.11
N GLY A 329 22.12 -3.77 -0.84
CA GLY A 329 22.73 -4.88 -1.53
C GLY A 329 21.82 -5.45 -2.62
N PRO A 330 22.39 -6.31 -3.46
CA PRO A 330 21.69 -6.76 -4.69
C PRO A 330 20.84 -8.03 -4.53
N HIS A 331 20.32 -8.29 -3.34
CA HIS A 331 19.47 -9.47 -3.06
C HIS A 331 18.23 -8.99 -2.29
N ARG A 332 17.08 -9.61 -2.53
CA ARG A 332 15.92 -9.44 -1.66
C ARG A 332 15.59 -7.96 -1.46
N TYR A 333 15.44 -7.25 -2.56
CA TYR A 333 15.23 -5.79 -2.55
C TYR A 333 14.48 -5.28 -3.76
N ILE A 334 13.43 -4.50 -3.46
CA ILE A 334 12.67 -3.74 -4.44
C ILE A 334 12.83 -2.26 -4.07
N ALA A 335 13.30 -1.44 -5.01
CA ALA A 335 13.45 -0.01 -4.74
C ALA A 335 12.09 0.69 -4.78
N ASN A 336 11.92 1.67 -3.89
CA ASN A 336 10.81 2.56 -3.92
C ASN A 336 11.29 3.78 -3.05
N LEU A 337 10.44 4.77 -2.95
CA LEU A 337 10.62 5.79 -1.95
C LEU A 337 10.17 5.24 -0.55
N GLY A 338 10.41 6.05 0.46
CA GLY A 338 10.01 5.76 1.84
C GLY A 338 8.61 6.20 2.12
N HIS A 339 7.95 6.90 1.17
CA HIS A 339 6.55 7.23 1.27
C HIS A 339 6.09 7.66 -0.10
N GLY A 340 4.92 8.26 -0.26
CA GLY A 340 4.51 8.62 -1.59
C GLY A 340 5.09 9.92 -2.13
N LEU A 341 5.09 10.06 -3.45
CA LEU A 341 5.49 11.33 -4.11
C LEU A 341 4.59 12.48 -3.70
N TYR A 342 5.18 13.64 -3.48
CA TYR A 342 4.45 14.83 -3.10
C TYR A 342 3.99 15.58 -4.35
N PRO A 343 2.86 16.28 -4.24
CA PRO A 343 2.24 16.98 -5.37
C PRO A 343 3.09 18.02 -6.08
N ASP A 344 4.06 18.60 -5.40
CA ASP A 344 4.90 19.63 -6.04
C ASP A 344 6.18 19.07 -6.61
N MET A 345 6.28 17.75 -6.71
CA MET A 345 7.52 17.18 -7.23
C MET A 345 7.61 17.23 -8.76
N ASP A 346 8.82 17.27 -9.28
CA ASP A 346 9.04 17.38 -10.73
C ASP A 346 9.02 15.98 -11.38
N PRO A 347 8.14 15.71 -12.33
CA PRO A 347 8.17 14.41 -13.02
C PRO A 347 9.55 13.99 -13.57
N GLU A 348 10.33 14.92 -14.07
CA GLU A 348 11.70 14.60 -14.53
C GLU A 348 12.57 14.05 -13.42
N HIS A 349 12.36 14.50 -12.20
CA HIS A 349 13.17 13.96 -11.11
C HIS A 349 12.75 12.53 -10.70
N VAL A 350 11.47 12.21 -10.87
CA VAL A 350 10.97 10.84 -10.65
C VAL A 350 11.57 9.93 -11.69
N GLY A 351 11.62 10.46 -12.91
CA GLY A 351 12.31 9.85 -14.03
C GLY A 351 13.76 9.52 -13.72
N ALA A 352 14.46 10.46 -13.09
CA ALA A 352 15.84 10.27 -12.72
C ALA A 352 16.01 9.24 -11.64
N PHE A 353 15.05 9.15 -10.73
CA PHE A 353 15.13 8.16 -9.65
C PHE A 353 15.03 6.75 -10.25
N VAL A 354 14.07 6.57 -11.15
CA VAL A 354 13.85 5.30 -11.80
C VAL A 354 15.09 4.88 -12.62
N ASP A 355 15.57 5.79 -13.48
CA ASP A 355 16.76 5.51 -14.28
C ASP A 355 17.96 5.18 -13.42
N ALA A 356 18.18 5.87 -12.30
CA ALA A 356 19.33 5.60 -11.42
C ALA A 356 19.26 4.27 -10.72
N VAL A 357 18.09 3.83 -10.30
CA VAL A 357 18.00 2.53 -9.71
C VAL A 357 18.44 1.48 -10.72
N HIS A 358 17.91 1.58 -11.94
CA HIS A 358 18.21 0.61 -13.00
C HIS A 358 19.72 0.63 -13.31
N LYS A 359 20.27 1.81 -13.48
CA LYS A 359 21.69 1.93 -13.81
C LYS A 359 22.59 1.38 -12.72
N HIS A 360 22.41 1.82 -11.49
CA HIS A 360 23.34 1.44 -10.41
C HIS A 360 23.14 0.00 -9.97
N SER A 361 21.92 -0.53 -10.08
CA SER A 361 21.71 -1.92 -9.67
C SER A 361 22.43 -2.85 -10.64
N ARG A 362 22.42 -2.50 -11.92
CA ARG A 362 23.17 -3.29 -12.91
C ARG A 362 24.68 -3.21 -12.69
N LEU A 363 25.20 -2.01 -12.42
CA LEU A 363 26.62 -1.80 -12.07
C LEU A 363 27.04 -2.56 -10.83
N LEU A 364 26.15 -2.65 -9.85
CA LEU A 364 26.44 -3.30 -8.58
C LEU A 364 26.54 -4.84 -8.74
N ARG A 365 25.98 -5.38 -9.81
CA ARG A 365 26.02 -6.83 -10.08
C ARG A 365 27.20 -7.23 -10.98
N GLN A 366 27.61 -6.31 -11.86
CA GLN A 366 28.54 -6.63 -12.93
C GLN A 366 29.78 -5.85 -12.60
O18 1CP B . -7.37 15.78 -4.82
C43 1CP B . -6.96 15.48 -3.66
O28 1CP B . -6.74 16.37 -2.82
C42 1CP B . -6.73 14.01 -3.23
C41 1CP B . -5.26 13.49 -3.27
C8 1CP B . -5.33 11.97 -3.04
C7 1CP B . -5.15 10.95 -4.00
C7A 1CP B . -4.77 11.15 -5.44
C9 1CP B . -5.67 11.36 -1.85
C10 1CP B . -5.95 12.10 -0.55
N22 1CP B . -5.69 10.00 -2.06
C6 1CP B . -5.35 9.74 -3.37
C5 1CP B . -5.25 8.42 -4.08
C4 1CP B . -4.62 7.28 -3.35
N21 1CP B . -4.49 7.13 -2.01
C3 1CP B . -4.09 6.18 -3.95
C31 1CP B . -4.06 5.92 -5.45
C32 1CP B . -2.97 6.77 -6.08
C33 1CP B . -1.74 6.25 -5.40
O23 1CP B . -1.28 5.13 -5.78
O13 1CP B . -1.28 6.98 -4.47
C2 1CP B . -3.59 5.34 -2.92
C2A 1CP B . -2.89 4.00 -3.07
C1 1CP B . -3.86 5.95 -1.75
C20 1CP B . -3.47 5.35 -0.42
C19 1CP B . -3.67 6.13 0.83
N24 1CP B . -4.63 7.09 1.10
C18 1CP B . -2.94 5.98 1.96
C61 1CP B . -1.78 5.00 2.14
C62 1CP B . -0.48 5.62 1.63
C63 1CP B . -0.03 6.82 2.46
O1R 1CP B . 0.20 6.69 3.69
O2R 1CP B . 0.11 7.92 1.86
C17 1CP B . -3.46 6.82 2.94
C86 1CP B . -2.92 6.98 4.34
C16 1CP B . -4.49 7.53 2.38
C15 1CP B . -5.36 8.57 3.03
C14 1CP B . -5.22 9.93 2.35
N23 1CP B . -5.75 10.18 1.12
C11 1CP B . -5.48 11.49 0.76
C12 1CP B . -4.80 12.06 1.76
C81 1CP B . -4.30 13.50 1.81
C13 1CP B . -4.62 11.08 2.78
C91 1CP B . -3.90 11.27 4.09
C92 1CP B . -4.81 11.94 5.13
C53 1CP B . -4.08 12.24 6.45
O2M 1CP B . -3.75 13.43 6.69
O1M 1CP B . -3.81 11.33 7.25
C1 BME C . -2.14 11.20 -1.76
C2 BME C . -2.09 9.69 -1.94
O1 BME C . -2.20 11.54 -0.36
S2 BME C . -1.95 8.96 -0.30
#